data_7TCL
#
_entry.id   7TCL
#
_cell.length_a   49.868
_cell.length_b   58.375
_cell.length_c   102.589
_cell.angle_alpha   90.000
_cell.angle_beta   90.000
_cell.angle_gamma   90.000
#
_symmetry.space_group_name_H-M   'P 21 21 21'
#
loop_
_entity.id
_entity.type
_entity.pdbx_description
1 polymer 'TauD/TfdA family dioxygenase'
2 non-polymer 'MANGANESE (II) ION'
3 non-polymer 'SULFATE ION'
4 non-polymer '(2S)-3-(4-hydroxyphenyl)-2-isocyanopropanoic acid'
5 water water
#
_entity_poly.entity_id   1
_entity_poly.type   'polypeptide(L)'
_entity_poly.pdbx_seq_one_letter_code
;MTELNSFQTEEITPFGLKITPQYSDQHIDTLPVEQLKELARKHHLLILRGFKSDLSDHEKYEKYARNWGEIMMWPFGAIL
DVREHQDATDHVFDNSYMPLHWDGMYKPTIPEFIMFHCAHAPESDQGGRTTFVNTRRVVANATQQQLEQWKNISITYRIN
KVTHYGGEVHSPLVEEHPDRNGFVIRYNEPAVDGEKFLNKHAIEYHNINPDQVAEFQQDFINILYDKRHLYAHAWKKSDL
VIVDNFSLLHGREGFTSKSERHLQRIHIQSNPAFNNQALRS
;
_entity_poly.pdbx_strand_id   X
#
loop_
_chem_comp.id
_chem_comp.type
_chem_comp.name
_chem_comp.formula
I3J non-polymer '(2S)-3-(4-hydroxyphenyl)-2-isocyanopropanoic acid' 'C10 H9 N O3'
MN non-polymer 'MANGANESE (II) ION' 'Mn 2'
SO4 non-polymer 'SULFATE ION' 'O4 S -2'
#
# COMPACT_ATOMS: atom_id res chain seq x y z
N GLU A 3 25.51 19.10 2.10
CA GLU A 3 24.86 18.39 1.01
C GLU A 3 24.41 16.97 1.49
N LEU A 4 24.83 16.60 2.69
CA LEU A 4 24.34 15.35 3.28
C LEU A 4 22.83 15.45 3.55
N ASN A 5 22.17 14.29 3.59
CA ASN A 5 20.77 14.24 4.02
C ASN A 5 20.66 14.62 5.48
N SER A 6 19.46 15.01 5.89
CA SER A 6 19.20 15.31 7.29
C SER A 6 18.63 14.10 8.03
N PHE A 7 18.79 12.91 7.47
CA PHE A 7 18.34 11.66 8.05
C PHE A 7 19.27 10.56 7.57
N GLN A 8 19.31 9.45 8.31
CA GLN A 8 19.97 8.25 7.84
C GLN A 8 19.04 7.45 6.93
N THR A 9 19.60 6.82 5.90
CA THR A 9 18.87 5.94 5.01
C THR A 9 19.54 4.57 4.98
N GLU A 10 18.72 3.51 4.93
CA GLU A 10 19.21 2.17 4.69
C GLU A 10 18.25 1.49 3.72
N GLU A 11 18.80 0.88 2.67
CA GLU A 11 17.95 0.21 1.70
C GLU A 11 17.42 -1.10 2.29
N ILE A 12 16.15 -1.35 2.05
CA ILE A 12 15.43 -2.53 2.53
C ILE A 12 15.43 -3.59 1.45
N THR A 13 15.48 -4.87 1.88
CA THR A 13 15.36 -6.04 0.99
C THR A 13 13.94 -6.57 1.02
N PRO A 14 13.26 -6.78 -0.13
CA PRO A 14 13.76 -6.58 -1.49
C PRO A 14 13.57 -5.18 -2.09
N PHE A 15 12.87 -4.28 -1.40
CA PHE A 15 12.73 -2.92 -1.90
C PHE A 15 12.36 -2.01 -0.73
N GLY A 16 12.50 -0.71 -0.94
CA GLY A 16 12.10 0.27 0.05
C GLY A 16 13.29 0.90 0.75
N LEU A 17 12.98 1.92 1.56
CA LEU A 17 13.98 2.63 2.35
C LEU A 17 13.54 2.73 3.80
N LYS A 18 14.48 2.49 4.69
CA LYS A 18 14.28 2.67 6.12
C LYS A 18 15.01 3.96 6.52
N ILE A 19 14.27 4.92 7.08
CA ILE A 19 14.80 6.25 7.38
C ILE A 19 14.77 6.45 8.88
N THR A 20 15.91 6.82 9.47
CA THR A 20 16.06 6.92 10.91
C THR A 20 16.77 8.21 11.28
N PRO A 21 16.65 8.65 12.54
CA PRO A 21 17.21 9.95 12.92
C PRO A 21 18.73 9.98 12.91
N GLN A 22 19.25 11.20 12.82
CA GLN A 22 20.69 11.45 12.88
C GLN A 22 21.16 11.84 14.27
N TYR A 23 20.24 12.19 15.16
CA TYR A 23 20.57 12.54 16.53
C TYR A 23 19.37 12.16 17.39
N SER A 24 19.64 11.84 18.65
CA SER A 24 18.57 11.36 19.51
C SER A 24 17.49 12.43 19.65
N ASP A 25 16.23 11.98 19.72
CA ASP A 25 15.07 12.86 19.89
C ASP A 25 14.80 13.76 18.70
N GLN A 26 15.30 13.42 17.52
CA GLN A 26 14.98 14.20 16.31
C GLN A 26 13.48 14.08 16.01
N HIS A 27 12.84 15.22 15.79
CA HIS A 27 11.40 15.25 15.56
C HIS A 27 11.04 14.95 14.11
N ILE A 28 9.89 14.30 13.92
CA ILE A 28 9.45 13.95 12.57
C ILE A 28 9.27 15.20 11.70
N ASP A 29 8.87 16.33 12.31
CA ASP A 29 8.70 17.56 11.55
C ASP A 29 10.00 18.08 10.95
N THR A 30 11.16 17.58 11.39
CA THR A 30 12.41 18.05 10.81
C THR A 30 12.66 17.51 9.40
N LEU A 31 11.93 16.47 8.98
CA LEU A 31 12.23 15.81 7.73
C LEU A 31 11.66 16.62 6.56
N PRO A 32 12.42 16.79 5.48
CA PRO A 32 11.94 17.59 4.34
C PRO A 32 10.92 16.82 3.53
N VAL A 33 9.67 17.29 3.55
CA VAL A 33 8.58 16.52 3.00
C VAL A 33 8.74 16.34 1.49
N GLU A 34 9.19 17.39 0.78
CA GLU A 34 9.28 17.27 -0.68
C GLU A 34 10.36 16.27 -1.10
N GLN A 35 11.45 16.17 -0.34
CA GLN A 35 12.44 15.15 -0.63
C GLN A 35 11.88 13.76 -0.32
N LEU A 36 11.14 13.63 0.79
CA LEU A 36 10.54 12.33 1.13
C LEU A 36 9.55 11.88 0.07
N LYS A 37 8.76 12.81 -0.48
CA LYS A 37 7.83 12.42 -1.53
C LYS A 37 8.58 11.89 -2.74
N GLU A 38 9.68 12.55 -3.12
CA GLU A 38 10.46 12.07 -4.26
C GLU A 38 11.03 10.69 -3.99
N LEU A 39 11.56 10.46 -2.77
CA LEU A 39 12.08 9.14 -2.43
C LEU A 39 10.97 8.10 -2.41
N ALA A 40 9.77 8.48 -1.97
CA ALA A 40 8.68 7.50 -1.93
C ALA A 40 8.25 7.12 -3.34
N ARG A 41 8.30 8.06 -4.29
CA ARG A 41 7.98 7.70 -5.67
C ARG A 41 9.04 6.82 -6.29
N LYS A 42 10.31 7.01 -5.90
CA LYS A 42 11.39 6.21 -6.48
C LYS A 42 11.52 4.85 -5.78
N HIS A 43 11.31 4.80 -4.46
CA HIS A 43 11.53 3.58 -3.71
C HIS A 43 10.24 2.89 -3.26
N HIS A 44 9.08 3.57 -3.37
CA HIS A 44 7.73 2.99 -3.23
C HIS A 44 7.32 2.74 -1.78
N LEU A 45 8.29 2.61 -0.89
CA LEU A 45 7.99 2.30 0.49
C LEU A 45 9.05 2.97 1.37
N LEU A 46 8.61 3.84 2.29
CA LEU A 46 9.48 4.47 3.27
C LEU A 46 9.06 4.05 4.67
N ILE A 47 10.00 3.54 5.45
CA ILE A 47 9.78 3.26 6.87
C ILE A 47 10.51 4.33 7.65
N LEU A 48 9.78 5.24 8.28
CA LEU A 48 10.39 6.28 9.13
C LEU A 48 10.32 5.77 10.56
N ARG A 49 11.47 5.37 11.12
CA ARG A 49 11.50 4.70 12.42
C ARG A 49 12.38 5.47 13.41
N GLY A 50 11.89 5.65 14.62
CA GLY A 50 12.67 6.22 15.70
C GLY A 50 12.53 7.71 15.88
N PHE A 51 11.71 8.37 15.08
CA PHE A 51 11.54 9.81 15.22
C PHE A 51 10.54 10.14 16.33
N LYS A 52 10.76 11.28 16.98
CA LYS A 52 9.82 11.78 17.98
C LYS A 52 8.62 12.41 17.29
N SER A 53 7.42 12.04 17.72
CA SER A 53 6.21 12.64 17.15
C SER A 53 5.07 12.50 18.15
N ASP A 54 4.05 13.33 17.96
CA ASP A 54 2.78 13.18 18.66
C ASP A 54 1.66 12.92 17.66
N LEU A 55 1.92 12.07 16.66
CA LEU A 55 0.93 11.84 15.62
C LEU A 55 -0.20 10.93 16.05
N SER A 56 -0.15 10.31 17.25
CA SER A 56 -1.37 9.64 17.74
C SER A 56 -2.47 10.63 18.03
N ASP A 57 -2.14 11.91 18.14
CA ASP A 57 -3.12 12.98 18.20
C ASP A 57 -3.69 13.22 16.81
N HIS A 58 -5.01 13.01 16.67
CA HIS A 58 -5.66 13.10 15.36
C HIS A 58 -5.47 14.49 14.73
N GLU A 59 -5.62 15.54 15.53
CA GLU A 59 -5.44 16.90 14.98
C GLU A 59 -4.02 17.09 14.48
N LYS A 60 -3.03 16.66 15.26
CA LYS A 60 -1.64 16.86 14.86
C LYS A 60 -1.29 16.00 13.65
N TYR A 61 -1.82 14.77 13.59
CA TYR A 61 -1.56 13.91 12.43
C TYR A 61 -2.16 14.51 11.16
N GLU A 62 -3.41 14.99 11.23
CA GLU A 62 -4.03 15.58 10.05
C GLU A 62 -3.27 16.82 9.61
N LYS A 63 -2.91 17.70 10.56
CA LYS A 63 -2.12 18.87 10.20
C LYS A 63 -0.80 18.46 9.57
N TYR A 64 -0.16 17.43 10.09
CA TYR A 64 1.10 16.99 9.51
C TYR A 64 0.91 16.50 8.08
N ALA A 65 -0.11 15.67 7.84
CA ALA A 65 -0.32 15.08 6.52
C ALA A 65 -0.64 16.12 5.46
N ARG A 66 -1.22 17.25 5.86
CA ARG A 66 -1.55 18.28 4.88
C ARG A 66 -0.30 18.85 4.22
N ASN A 67 0.86 18.75 4.86
CA ASN A 67 2.10 19.13 4.20
C ASN A 67 2.44 18.22 3.01
N TRP A 68 1.89 17.01 2.97
CA TRP A 68 2.17 16.08 1.88
C TRP A 68 1.27 16.27 0.67
N GLY A 69 0.11 16.88 0.83
CA GLY A 69 -0.76 17.14 -0.29
C GLY A 69 -2.20 17.17 0.16
N GLU A 70 -3.10 17.09 -0.82
CA GLU A 70 -4.54 17.08 -0.54
C GLU A 70 -4.93 15.73 0.06
N ILE A 71 -5.55 15.77 1.24
CA ILE A 71 -6.03 14.57 1.88
C ILE A 71 -7.27 14.04 1.17
N MET A 72 -7.31 12.73 0.91
CA MET A 72 -8.50 12.08 0.39
C MET A 72 -9.42 11.78 1.57
N MET A 73 -10.55 12.50 1.64
CA MET A 73 -11.42 12.39 2.80
C MET A 73 -12.36 11.21 2.64
N TRP A 74 -12.63 10.53 3.73
CA TRP A 74 -13.59 9.45 3.84
C TRP A 74 -14.83 9.94 4.58
N PRO A 75 -15.94 9.19 4.55
CA PRO A 75 -17.11 9.61 5.33
C PRO A 75 -16.80 9.88 6.78
N PHE A 76 -15.96 9.06 7.40
CA PHE A 76 -15.59 9.26 8.80
C PHE A 76 -14.51 10.31 9.00
N GLY A 77 -14.00 10.92 7.92
CA GLY A 77 -12.98 11.93 8.08
C GLY A 77 -11.64 11.60 7.42
N ALA A 78 -10.57 12.21 7.91
CA ALA A 78 -9.25 12.06 7.30
C ALA A 78 -8.54 10.77 7.71
N ILE A 79 -8.79 10.28 8.92
CA ILE A 79 -7.97 9.26 9.54
C ILE A 79 -8.83 8.02 9.77
N LEU A 80 -8.35 6.87 9.29
CA LEU A 80 -8.92 5.59 9.67
C LEU A 80 -8.08 5.01 10.81
N ASP A 81 -8.74 4.62 11.90
CA ASP A 81 -8.07 3.95 13.01
C ASP A 81 -8.24 2.45 12.82
N VAL A 82 -7.14 1.78 12.47
CA VAL A 82 -7.14 0.35 12.20
C VAL A 82 -6.82 -0.35 13.51
N ARG A 83 -7.79 -1.10 14.03
CA ARG A 83 -7.69 -1.75 15.34
C ARG A 83 -8.04 -3.22 15.19
N GLU A 84 -7.62 -4.00 16.19
CA GLU A 84 -7.87 -5.44 16.20
C GLU A 84 -9.02 -5.77 17.12
N ASN A 95 -8.01 -13.77 12.46
CA ASN A 95 -7.03 -14.79 12.19
C ASN A 95 -6.62 -14.87 10.71
N SER A 96 -7.52 -14.61 9.77
CA SER A 96 -7.12 -14.83 8.39
C SER A 96 -6.24 -13.69 7.88
N TYR A 97 -5.59 -13.92 6.75
CA TYR A 97 -4.77 -12.90 6.13
C TYR A 97 -5.67 -11.83 5.53
N MET A 98 -5.14 -10.64 5.34
CA MET A 98 -5.91 -9.74 4.53
C MET A 98 -5.33 -9.70 3.11
N PRO A 99 -6.18 -9.93 2.09
CA PRO A 99 -5.68 -10.09 0.71
C PRO A 99 -4.99 -8.85 0.19
N LEU A 100 -4.01 -9.07 -0.66
CA LEU A 100 -3.41 -7.98 -1.42
C LEU A 100 -4.48 -7.20 -2.17
N HIS A 101 -4.33 -5.89 -2.18
CA HIS A 101 -5.23 -4.99 -2.91
C HIS A 101 -4.50 -3.65 -3.07
N TRP A 102 -5.13 -2.74 -3.79
CA TRP A 102 -4.71 -1.35 -3.75
C TRP A 102 -5.83 -0.53 -3.11
N ASP A 103 -5.46 0.60 -2.49
CA ASP A 103 -6.45 1.41 -1.79
C ASP A 103 -7.20 2.30 -2.78
N GLY A 104 -8.47 2.53 -2.51
CA GLY A 104 -9.31 3.34 -3.38
C GLY A 104 -10.15 2.56 -4.39
N MET A 105 -10.06 1.23 -4.37
CA MET A 105 -10.75 0.37 -5.34
C MET A 105 -12.21 0.77 -5.55
N TYR A 106 -12.93 0.99 -4.46
CA TYR A 106 -14.37 1.29 -4.50
C TYR A 106 -14.66 2.76 -4.30
N LYS A 107 -13.69 3.64 -4.51
CA LYS A 107 -13.83 5.06 -4.34
C LYS A 107 -13.65 5.76 -5.68
N PRO A 108 -14.12 7.01 -5.80
CA PRO A 108 -13.99 7.73 -7.08
C PRO A 108 -12.57 8.14 -7.41
N THR A 109 -11.65 8.13 -6.45
CA THR A 109 -10.26 8.48 -6.72
C THR A 109 -9.34 7.45 -6.08
N ILE A 110 -8.18 7.25 -6.69
CA ILE A 110 -7.12 6.41 -6.15
C ILE A 110 -6.07 7.32 -5.53
N PRO A 111 -5.81 7.24 -4.22
CA PRO A 111 -4.78 8.11 -3.64
C PRO A 111 -3.39 7.67 -4.08
N GLU A 112 -2.49 8.64 -4.20
CA GLU A 112 -1.11 8.33 -4.56
C GLU A 112 -0.36 7.71 -3.38
N PHE A 113 -0.55 8.24 -2.16
CA PHE A 113 0.17 7.78 -0.98
C PHE A 113 -0.76 7.29 0.12
N ILE A 114 -0.35 6.22 0.80
CA ILE A 114 -0.92 5.82 2.08
C ILE A 114 0.08 6.19 3.17
N MET A 115 -0.39 6.87 4.20
CA MET A 115 0.42 7.10 5.39
C MET A 115 -0.15 6.30 6.54
N PHE A 116 0.66 5.42 7.11
CA PHE A 116 0.31 4.61 8.28
C PHE A 116 1.17 5.09 9.45
N HIS A 117 0.52 5.52 10.53
CA HIS A 117 1.22 5.83 11.76
C HIS A 117 0.90 4.76 12.79
N CYS A 118 1.91 4.24 13.46
CA CYS A 118 1.71 3.19 14.45
C CYS A 118 1.48 3.84 15.81
N ALA A 119 0.22 3.88 16.24
CA ALA A 119 -0.08 4.37 17.58
C ALA A 119 0.21 3.32 18.65
N HIS A 120 0.13 2.05 18.30
CA HIS A 120 0.37 0.99 19.26
C HIS A 120 0.81 -0.26 18.52
N ALA A 121 1.94 -0.83 18.93
CA ALA A 121 2.40 -2.11 18.40
C ALA A 121 3.12 -2.81 19.53
N PRO A 122 2.39 -3.57 20.35
CA PRO A 122 3.05 -4.34 21.41
C PRO A 122 3.95 -5.43 20.85
N GLU A 123 5.13 -5.56 21.45
CA GLU A 123 5.91 -6.79 21.30
C GLU A 123 5.07 -8.02 21.64
N SER A 124 4.03 -7.84 22.46
CA SER A 124 3.01 -8.85 22.70
C SER A 124 2.44 -9.47 21.43
N ASP A 125 2.47 -8.78 20.29
CA ASP A 125 1.86 -9.32 19.09
C ASP A 125 2.82 -10.20 18.32
N GLN A 126 2.32 -11.33 17.81
CA GLN A 126 3.09 -12.28 17.01
C GLN A 126 2.52 -12.33 15.60
N GLY A 127 3.39 -12.11 14.61
CA GLY A 127 2.99 -12.28 13.22
C GLY A 127 2.08 -11.15 12.76
N GLY A 128 1.25 -11.46 11.77
CA GLY A 128 0.36 -10.45 11.23
C GLY A 128 1.07 -9.24 10.69
N ARG A 129 2.24 -9.44 10.07
CA ARG A 129 2.96 -8.32 9.48
C ARG A 129 2.21 -7.76 8.26
N THR A 130 2.29 -6.46 8.08
CA THR A 130 1.77 -5.83 6.87
C THR A 130 2.62 -6.21 5.66
N THR A 131 1.98 -6.64 4.58
CA THR A 131 2.69 -7.07 3.38
C THR A 131 2.65 -5.96 2.32
N PHE A 132 3.77 -5.79 1.62
CA PHE A 132 3.88 -4.78 0.56
C PHE A 132 4.51 -5.45 -0.66
N VAL A 133 3.85 -5.35 -1.81
CA VAL A 133 4.31 -6.01 -3.03
C VAL A 133 4.63 -4.93 -4.06
N ASN A 134 5.87 -4.92 -4.53
CA ASN A 134 6.33 -3.96 -5.54
C ASN A 134 5.93 -4.50 -6.91
N THR A 135 4.81 -4.03 -7.44
CA THR A 135 4.35 -4.58 -8.72
C THR A 135 5.20 -4.11 -9.89
N ARG A 136 5.93 -3.00 -9.75
CA ARG A 136 6.86 -2.62 -10.82
C ARG A 136 7.91 -3.69 -10.99
N ARG A 137 8.37 -4.25 -9.86
CA ARG A 137 9.38 -5.30 -9.90
C ARG A 137 8.80 -6.59 -10.47
N VAL A 138 7.55 -6.90 -10.13
CA VAL A 138 6.88 -8.06 -10.74
C VAL A 138 6.87 -7.93 -12.26
N VAL A 139 6.51 -6.75 -12.77
CA VAL A 139 6.44 -6.53 -14.22
C VAL A 139 7.84 -6.67 -14.83
N ALA A 140 8.85 -6.12 -14.15
CA ALA A 140 10.22 -6.19 -14.67
C ALA A 140 10.77 -7.63 -14.69
N ASN A 141 10.28 -8.50 -13.80
CA ASN A 141 10.78 -9.87 -13.75
C ASN A 141 10.02 -10.82 -14.67
N ALA A 142 8.94 -10.38 -15.30
CA ALA A 142 8.12 -11.25 -16.14
C ALA A 142 8.72 -11.46 -17.52
N THR A 143 8.51 -12.66 -18.08
CA THR A 143 8.84 -12.88 -19.48
C THR A 143 7.93 -12.04 -20.37
N GLN A 144 8.29 -11.94 -21.65
CA GLN A 144 7.46 -11.16 -22.56
C GLN A 144 6.10 -11.83 -22.76
N GLN A 145 6.09 -13.16 -22.84
CA GLN A 145 4.82 -13.87 -23.02
C GLN A 145 3.93 -13.69 -21.81
N GLN A 146 4.50 -13.76 -20.61
CA GLN A 146 3.74 -13.49 -19.39
C GLN A 146 3.12 -12.10 -19.43
N LEU A 147 3.93 -11.09 -19.71
CA LEU A 147 3.44 -9.71 -19.66
C LEU A 147 2.37 -9.48 -20.73
N GLU A 148 2.51 -10.12 -21.89
CA GLU A 148 1.49 -10.00 -22.93
C GLU A 148 0.18 -10.61 -22.47
N GLN A 149 0.22 -11.80 -21.87
CA GLN A 149 -0.99 -12.40 -21.32
C GLN A 149 -1.62 -11.50 -20.26
N TRP A 150 -0.81 -10.97 -19.33
CA TRP A 150 -1.34 -10.18 -18.23
C TRP A 150 -2.01 -8.90 -18.73
N LYS A 151 -1.43 -8.28 -19.77
CA LYS A 151 -2.02 -7.08 -20.35
C LYS A 151 -3.36 -7.33 -21.00
N ASN A 152 -3.68 -8.58 -21.34
CA ASN A 152 -4.97 -8.86 -21.94
C ASN A 152 -6.05 -9.24 -20.92
N ILE A 153 -5.68 -9.47 -19.65
CA ILE A 153 -6.64 -9.92 -18.66
C ILE A 153 -7.28 -8.70 -17.98
N SER A 154 -8.59 -8.77 -17.79
CA SER A 154 -9.26 -7.82 -16.92
C SER A 154 -10.12 -8.61 -15.94
N ILE A 155 -10.47 -7.96 -14.83
CA ILE A 155 -11.07 -8.64 -13.69
C ILE A 155 -12.19 -7.77 -13.13
N THR A 156 -13.33 -8.39 -12.85
CA THR A 156 -14.41 -7.73 -12.15
C THR A 156 -14.44 -8.20 -10.70
N TYR A 157 -14.46 -7.25 -9.77
CA TYR A 157 -14.53 -7.52 -8.34
C TYR A 157 -15.86 -7.02 -7.79
N ARG A 158 -16.45 -7.81 -6.90
CA ARG A 158 -17.65 -7.41 -6.18
C ARG A 158 -17.39 -7.55 -4.70
N ILE A 159 -17.76 -6.52 -3.93
CA ILE A 159 -17.49 -6.52 -2.49
C ILE A 159 -18.70 -7.00 -1.68
N LYS A 161 -19.79 -6.16 1.11
CA LYS A 161 -19.97 -5.11 2.11
C LYS A 161 -20.72 -3.92 1.52
N VAL A 162 -21.36 -3.13 2.38
CA VAL A 162 -22.11 -1.96 1.97
C VAL A 162 -21.16 -0.78 1.89
N THR A 163 -21.16 -0.08 0.74
CA THR A 163 -20.27 1.04 0.51
C THR A 163 -21.06 2.26 0.07
N HIS A 164 -20.39 3.41 0.10
CA HIS A 164 -21.04 4.70 -0.17
C HIS A 164 -21.19 4.99 -1.66
N TYR A 165 -20.39 4.37 -2.54
CA TYR A 165 -20.31 4.77 -3.94
C TYR A 165 -20.61 3.63 -4.90
N GLY A 166 -21.44 2.66 -4.49
CA GLY A 166 -21.62 1.49 -5.35
C GLY A 166 -20.41 0.57 -5.38
N GLY A 167 -20.62 -0.71 -5.67
CA GLY A 167 -19.60 -1.68 -5.29
C GLY A 167 -19.18 -2.71 -6.32
N GLU A 168 -18.89 -2.28 -7.54
CA GLU A 168 -18.31 -3.16 -8.55
C GLU A 168 -17.11 -2.49 -9.20
N VAL A 169 -16.01 -3.22 -9.28
CA VAL A 169 -14.75 -2.74 -9.86
C VAL A 169 -14.41 -3.60 -11.06
N HIS A 170 -14.13 -2.97 -12.20
CA HIS A 170 -13.66 -3.69 -13.37
C HIS A 170 -12.31 -3.11 -13.76
N SER A 171 -11.24 -3.85 -13.50
CA SER A 171 -9.92 -3.27 -13.69
C SER A 171 -9.04 -4.19 -14.51
N PRO A 172 -8.30 -3.65 -15.46
CA PRO A 172 -7.25 -4.44 -16.11
C PRO A 172 -6.26 -4.93 -15.06
N LEU A 173 -5.65 -6.07 -15.35
CA LEU A 173 -4.63 -6.62 -14.47
C LEU A 173 -3.37 -5.77 -14.52
N VAL A 174 -3.05 -5.22 -15.68
CA VAL A 174 -1.88 -4.37 -15.87
C VAL A 174 -2.36 -3.01 -16.35
N GLU A 175 -1.83 -1.96 -15.73
CA GLU A 175 -2.15 -0.59 -16.05
C GLU A 175 -0.84 0.17 -16.21
N GLU A 176 -0.88 1.25 -16.98
CA GLU A 176 0.26 2.16 -16.99
C GLU A 176 0.20 3.04 -15.74
N HIS A 177 1.36 3.25 -15.13
CA HIS A 177 1.44 4.11 -13.96
C HIS A 177 0.99 5.52 -14.32
N PRO A 178 0.33 6.23 -13.40
CA PRO A 178 -0.14 7.59 -13.72
C PRO A 178 0.95 8.53 -14.21
N ASP A 179 2.20 8.34 -13.78
CA ASP A 179 3.31 9.15 -14.27
C ASP A 179 3.85 8.69 -15.61
N ARG A 180 3.22 7.68 -16.23
CA ARG A 180 3.61 7.20 -17.56
C ARG A 180 5.08 6.83 -17.62
N ASN A 181 5.60 6.21 -16.55
CA ASN A 181 7.00 5.77 -16.51
C ASN A 181 7.09 4.28 -16.19
N GLY A 182 6.16 3.51 -16.71
CA GLY A 182 6.18 2.07 -16.51
C GLY A 182 4.80 1.50 -16.27
N PHE A 183 4.71 0.18 -16.18
CA PHE A 183 3.46 -0.51 -15.90
C PHE A 183 3.42 -1.02 -14.47
N VAL A 184 2.21 -1.19 -13.96
CA VAL A 184 1.97 -1.70 -12.61
C VAL A 184 0.87 -2.75 -12.68
N ILE A 185 0.72 -3.49 -11.59
CA ILE A 185 -0.30 -4.50 -11.43
C ILE A 185 -1.39 -3.95 -10.53
N ARG A 186 -2.64 -4.12 -10.94
CA ARG A 186 -3.79 -3.86 -10.10
C ARG A 186 -4.48 -5.21 -9.90
N TYR A 187 -4.41 -5.73 -8.67
CA TYR A 187 -4.97 -7.06 -8.38
C TYR A 187 -5.49 -7.05 -6.95
N ASN A 188 -6.65 -7.68 -6.74
CA ASN A 188 -7.20 -7.92 -5.41
C ASN A 188 -7.29 -9.43 -5.23
N GLU A 189 -6.42 -9.96 -4.37
CA GLU A 189 -6.35 -11.39 -4.14
C GLU A 189 -7.63 -11.91 -3.49
N PRO A 190 -8.04 -13.16 -3.75
CA PRO A 190 -9.20 -13.70 -3.04
C PRO A 190 -8.93 -13.87 -1.56
N ALA A 191 -9.99 -13.80 -0.77
CA ALA A 191 -9.93 -14.05 0.65
C ALA A 191 -10.37 -15.49 0.91
N VAL A 192 -9.95 -16.00 2.07
CA VAL A 192 -10.41 -17.33 2.49
C VAL A 192 -11.42 -17.15 3.63
N HIS A 201 -20.25 -13.68 -8.16
CA HIS A 201 -18.98 -14.12 -7.56
C HIS A 201 -18.12 -12.92 -7.16
N ALA A 202 -17.25 -13.12 -6.15
CA ALA A 202 -16.44 -12.00 -5.67
C ALA A 202 -15.41 -11.57 -6.68
N ILE A 203 -14.89 -12.49 -7.48
CA ILE A 203 -13.87 -12.18 -8.49
C ILE A 203 -14.23 -12.91 -9.78
N GLU A 204 -14.12 -12.22 -10.91
CA GLU A 204 -14.43 -12.83 -12.19
C GLU A 204 -13.40 -12.37 -13.22
N TYR A 205 -12.67 -13.33 -13.77
CA TYR A 205 -11.59 -13.04 -14.71
C TYR A 205 -12.14 -12.98 -16.14
N HIS A 206 -11.64 -12.04 -16.94
CA HIS A 206 -12.06 -11.89 -18.32
C HIS A 206 -10.87 -12.10 -19.25
N ASN A 207 -11.17 -12.49 -20.49
CA ASN A 207 -10.20 -12.64 -21.57
C ASN A 207 -9.20 -13.76 -21.32
N ILE A 208 -9.58 -14.74 -20.50
CA ILE A 208 -8.80 -15.94 -20.30
C ILE A 208 -9.78 -17.11 -20.32
N ASN A 209 -9.35 -18.19 -20.94
CA ASN A 209 -10.14 -19.41 -21.02
C ASN A 209 -10.57 -19.82 -19.61
N PRO A 210 -11.88 -19.99 -19.36
CA PRO A 210 -12.34 -20.42 -18.04
C PRO A 210 -11.65 -21.70 -17.58
N ASP A 211 -11.17 -22.49 -18.54
CA ASP A 211 -10.44 -23.72 -18.23
C ASP A 211 -9.10 -23.44 -17.56
N GLN A 212 -8.56 -22.24 -17.73
CA GLN A 212 -7.22 -21.91 -17.26
C GLN A 212 -7.24 -20.97 -16.06
N VAL A 213 -8.43 -20.53 -15.62
CA VAL A 213 -8.51 -19.48 -14.61
C VAL A 213 -7.92 -19.96 -13.28
N ALA A 214 -8.31 -21.18 -12.85
CA ALA A 214 -7.84 -21.69 -11.57
C ALA A 214 -6.32 -21.72 -11.50
N GLU A 215 -5.66 -22.22 -12.55
CA GLU A 215 -4.21 -22.29 -12.53
C GLU A 215 -3.58 -20.91 -12.66
N PHE A 216 -4.18 -20.02 -13.46
CA PHE A 216 -3.64 -18.67 -13.52
C PHE A 216 -3.68 -18.02 -12.15
N GLN A 217 -4.78 -18.19 -11.43
CA GLN A 217 -4.89 -17.62 -10.09
C GLN A 217 -3.83 -18.18 -9.16
N GLN A 218 -3.66 -19.51 -9.17
CA GLN A 218 -2.56 -20.12 -8.42
C GLN A 218 -1.21 -19.51 -8.79
N ASP A 219 -0.92 -19.45 -10.09
CA ASP A 219 0.40 -19.00 -10.53
C ASP A 219 0.63 -17.53 -10.19
N PHE A 220 -0.39 -16.69 -10.37
CA PHE A 220 -0.20 -15.26 -10.17
C PHE A 220 -0.04 -14.92 -8.69
N ILE A 221 -0.77 -15.60 -7.80
CA ILE A 221 -0.60 -15.35 -6.37
C ILE A 221 0.77 -15.79 -5.92
N ASN A 222 1.26 -16.93 -6.44
CA ASN A 222 2.61 -17.38 -6.13
C ASN A 222 3.65 -16.35 -6.55
N ILE A 223 3.43 -15.72 -7.71
CA ILE A 223 4.35 -14.71 -8.21
C ILE A 223 4.39 -13.50 -7.28
N LEU A 224 3.22 -13.06 -6.80
CA LEU A 224 3.18 -11.89 -5.92
C LEU A 224 3.79 -12.20 -4.54
N TYR A 225 3.54 -13.40 -4.00
CA TYR A 225 4.13 -13.80 -2.72
C TYR A 225 5.48 -14.48 -2.97
N ASP A 226 6.41 -13.68 -3.45
CA ASP A 226 7.75 -14.10 -3.82
C ASP A 226 8.71 -13.16 -3.10
N LYS A 227 9.81 -13.70 -2.56
CA LYS A 227 10.75 -12.89 -1.81
C LYS A 227 11.41 -11.80 -2.67
N ARG A 228 11.37 -11.93 -3.99
CA ARG A 228 11.87 -10.84 -4.83
C ARG A 228 10.91 -9.65 -4.87
N HIS A 229 9.66 -9.84 -4.45
CA HIS A 229 8.63 -8.83 -4.66
C HIS A 229 7.98 -8.32 -3.39
N LEU A 230 8.00 -9.09 -2.31
CA LEU A 230 7.19 -8.80 -1.14
C LEU A 230 8.08 -8.43 0.04
N TYR A 231 7.68 -7.37 0.74
CA TYR A 231 8.28 -7.00 2.02
C TYR A 231 7.21 -7.06 3.10
N ALA A 232 7.52 -7.74 4.21
CA ALA A 232 6.60 -7.92 5.34
C ALA A 232 7.08 -7.07 6.51
N HIS A 233 6.28 -6.09 6.93
CA HIS A 233 6.74 -5.11 7.90
C HIS A 233 6.23 -5.46 9.30
N ALA A 234 7.14 -5.59 10.26
CA ALA A 234 6.78 -5.70 11.67
C ALA A 234 6.81 -4.31 12.31
N TRP A 235 5.69 -3.90 12.88
CA TRP A 235 5.51 -2.54 13.34
C TRP A 235 6.21 -2.28 14.67
N LYS A 236 6.68 -1.05 14.83
CA LYS A 236 7.07 -0.52 16.13
C LYS A 236 6.33 0.79 16.38
N LYS A 237 6.07 1.09 17.66
CA LYS A 237 5.35 2.31 18.00
C LYS A 237 6.05 3.53 17.42
N SER A 238 5.26 4.45 16.88
CA SER A 238 5.66 5.70 16.25
C SER A 238 6.30 5.53 14.88
N ASP A 239 6.36 4.33 14.33
CA ASP A 239 6.61 4.17 12.90
C ASP A 239 5.68 5.08 12.11
N LEU A 240 6.23 5.79 11.14
CA LEU A 240 5.43 6.38 10.08
C LEU A 240 5.87 5.72 8.78
N VAL A 241 4.93 5.02 8.12
CA VAL A 241 5.21 4.31 6.87
C VAL A 241 4.50 5.02 5.72
N ILE A 242 5.24 5.29 4.65
CA ILE A 242 4.73 5.98 3.47
C ILE A 242 4.69 4.99 2.31
N VAL A 243 3.51 4.77 1.75
CA VAL A 243 3.28 3.74 0.74
C VAL A 243 2.91 4.38 -0.59
N ASP A 244 3.60 3.99 -1.66
CA ASP A 244 3.26 4.41 -3.02
C ASP A 244 2.11 3.52 -3.51
N ASN A 245 0.89 3.96 -3.27
CA ASN A 245 -0.31 3.18 -3.62
C ASN A 245 -0.47 2.97 -5.11
N PHE A 246 0.19 3.80 -5.93
CA PHE A 246 0.14 3.62 -7.39
C PHE A 246 1.00 2.45 -7.84
N SER A 247 2.08 2.14 -7.11
CA SER A 247 3.02 1.11 -7.52
C SER A 247 2.87 -0.20 -6.75
N LEU A 248 2.37 -0.15 -5.52
CA LEU A 248 2.35 -1.31 -4.66
C LEU A 248 0.93 -1.86 -4.52
N LEU A 249 0.88 -3.15 -4.19
CA LEU A 249 -0.26 -3.75 -3.51
C LEU A 249 0.14 -3.99 -2.06
N HIS A 250 -0.85 -4.07 -1.18
CA HIS A 250 -0.56 -4.28 0.23
C HIS A 250 -1.65 -5.13 0.88
N GLY A 251 -1.30 -5.77 1.99
CA GLY A 251 -2.19 -6.70 2.66
C GLY A 251 -1.72 -6.97 4.08
N ARG A 252 -2.02 -8.14 4.64
CA ARG A 252 -1.50 -8.43 5.97
C ARG A 252 -1.48 -9.94 6.12
N GLU A 253 -0.41 -10.46 6.68
CA GLU A 253 -0.37 -11.87 7.05
C GLU A 253 -1.46 -12.18 8.08
N GLY A 254 -1.93 -13.42 8.07
CA GLY A 254 -2.79 -13.89 9.13
C GLY A 254 -2.07 -13.84 10.46
N PHE A 255 -2.84 -13.53 11.52
CA PHE A 255 -2.31 -13.42 12.88
C PHE A 255 -2.30 -14.78 13.55
N THR A 256 -1.21 -15.08 14.25
CA THR A 256 -1.15 -16.28 15.08
C THR A 256 -1.74 -16.04 16.48
N SER A 257 -1.38 -14.95 17.13
CA SER A 257 -1.85 -14.63 18.47
C SER A 257 -2.80 -13.44 18.44
N LYS A 258 -3.45 -13.21 19.58
CA LYS A 258 -4.24 -12.00 19.74
C LYS A 258 -3.33 -10.78 19.67
N SER A 259 -3.86 -9.69 19.11
CA SER A 259 -3.08 -8.50 18.81
C SER A 259 -3.81 -7.26 19.31
N GLU A 260 -3.05 -6.28 19.79
CA GLU A 260 -3.60 -4.98 20.13
C GLU A 260 -3.08 -3.88 19.21
N ARG A 261 -2.61 -4.25 18.01
N ARG A 261 -2.62 -4.24 18.01
CA ARG A 261 -2.05 -3.27 17.09
CA ARG A 261 -2.06 -3.28 17.08
C ARG A 261 -3.06 -2.17 16.77
C ARG A 261 -3.06 -2.17 16.77
N HIS A 262 -2.57 -0.93 16.71
CA HIS A 262 -3.39 0.22 16.38
C HIS A 262 -2.61 1.08 15.40
N LEU A 263 -3.03 1.08 14.13
CA LEU A 263 -2.46 1.96 13.11
C LEU A 263 -3.45 3.06 12.76
N GLN A 264 -2.91 4.19 12.27
CA GLN A 264 -3.71 5.32 11.86
C GLN A 264 -3.35 5.67 10.44
N ARG A 265 -4.34 5.64 9.54
CA ARG A 265 -4.10 5.72 8.10
C ARG A 265 -4.67 7.00 7.51
N ILE A 266 -3.86 7.70 6.72
CA ILE A 266 -4.29 8.87 5.96
C ILE A 266 -3.94 8.64 4.49
N HIS A 267 -4.86 9.01 3.59
CA HIS A 267 -4.62 8.95 2.15
C HIS A 267 -4.34 10.34 1.59
N ILE A 268 -3.35 10.43 0.70
CA ILE A 268 -2.95 11.69 0.07
C ILE A 268 -3.19 11.56 -1.44
N GLN A 269 -3.88 12.56 -2.01
CA GLN A 269 -4.21 12.52 -3.43
C GLN A 269 -2.98 12.87 -4.25
N SER A 270 -2.94 12.35 -5.47
CA SER A 270 -2.03 12.92 -6.44
C SER A 270 -2.53 14.32 -6.81
N ASN A 271 -1.67 15.06 -7.49
CA ASN A 271 -1.96 16.44 -7.90
C ASN A 271 -1.86 16.50 -9.42
N PRO A 272 -2.97 16.50 -10.17
CA PRO A 272 -4.35 16.44 -9.68
C PRO A 272 -4.73 15.03 -9.21
N ALA A 273 -5.84 14.90 -8.47
CA ALA A 273 -6.31 13.61 -8.02
C ALA A 273 -6.51 12.66 -9.20
N PHE A 274 -6.22 11.39 -8.96
CA PHE A 274 -6.31 10.37 -10.01
C PHE A 274 -7.70 9.73 -9.95
N ASN A 275 -8.50 9.94 -10.98
CA ASN A 275 -9.83 9.36 -11.01
C ASN A 275 -9.78 7.84 -11.21
N ASN A 276 -10.67 7.13 -10.52
CA ASN A 276 -10.69 5.67 -10.54
C ASN A 276 -11.58 5.21 -11.68
N GLN A 277 -10.97 4.86 -12.82
CA GLN A 277 -11.76 4.46 -13.98
C GLN A 277 -12.33 3.06 -13.84
N ALA A 278 -11.91 2.28 -12.84
CA ALA A 278 -12.42 0.94 -12.67
C ALA A 278 -13.74 0.91 -11.91
N LEU A 279 -14.15 2.02 -11.27
CA LEU A 279 -15.36 2.01 -10.46
C LEU A 279 -16.60 1.94 -11.35
N ARG A 280 -17.48 0.98 -11.06
CA ARG A 280 -18.73 0.81 -11.78
C ARG A 280 -19.92 0.84 -10.81
MN MN B . -5.66 -1.15 2.27
S SO4 C . -16.84 3.24 1.95
O1 SO4 C . -16.03 2.45 2.88
O2 SO4 C . -18.24 2.97 2.24
O3 SO4 C . -16.53 2.86 0.57
O4 SO4 C . -16.57 4.67 2.12
S SO4 D . 11.92 -0.70 -8.85
O1 SO4 D . 10.63 -0.13 -8.47
O2 SO4 D . 11.73 -2.06 -9.39
O3 SO4 D . 12.80 -0.75 -7.69
O4 SO4 D . 12.51 0.14 -9.89
S SO4 E . 15.29 -1.29 14.15
O1 SO4 E . 14.66 -1.36 15.46
O2 SO4 E . 14.27 -1.41 13.11
O3 SO4 E . 15.97 0.00 13.98
O4 SO4 E . 16.22 -2.40 14.01
C10 I3J F . -10.62 -3.44 -1.40
C12 I3J F . -9.65 1.26 0.49
C01 I3J F . -12.47 1.59 -1.75
C03 I3J F . -10.77 0.23 -0.28
C04 I3J F . -10.17 -0.88 -1.20
C05 I3J F . -10.16 -2.35 -0.61
C06 I3J F . -9.67 -2.66 0.66
C07 I3J F . -9.64 -4.00 1.16
C08 I3J F . -10.10 -5.06 0.38
C09 I3J F . -10.61 -4.78 -0.91
N02 I3J F . -11.72 0.97 -1.09
O11 I3J F . -10.03 -6.32 0.96
O13 I3J F . -9.65 1.24 1.71
O14 I3J F . -8.94 1.97 -0.22
#